data_5RZI
#
_entry.id   5RZI
#
_cell.length_a   38.800
_cell.length_b   77.320
_cell.length_c   98.780
_cell.angle_alpha   90.000
_cell.angle_beta   90.000
_cell.angle_gamma   90.000
#
_symmetry.space_group_name_H-M   'P 21 21 21'
#
loop_
_entity.id
_entity.type
_entity.pdbx_description
1 polymer 'Isoform 2 of Band 4.1-like protein 3'
2 non-polymer 4-methyl-N-{[(2R)-oxolan-2-yl]methyl}-1,3-thiazol-2-amine
3 non-polymer 'DIMETHYL SULFOXIDE'
4 non-polymer 1,2-ETHANEDIOL
5 water water
#
_entity_poly.entity_id   1
_entity_poly.type   'polypeptide(L)'
_entity_poly.pdbx_seq_one_letter_code
;SMPKSMQCKVILLDGSEYTCDVEKRSRGQVLFDKVCEHLNLLEKDYFGLTYRDAENQKNWLDPAKEIKKQVRSGAWHFSF
NVKFYPPDPAQLSEDITRYYLCLQLRDDIVSGRLPCSFVTLALLGSYTVQSELGDYDPDECGSDYISEFRFAPNHTKELE
DKVIELHKSHRGMTPAEAEMHFLENAKKLSMYGVDLHHAKDSEGVEIMLGVCASGLLIYRDRLRINRFAWPKVLKISYKR
NNFYIKIRPGEFEQFESTIGFKLPNHRAAKRLWKVCVEHHTFFRLL
;
_entity_poly.pdbx_strand_id   A
#
loop_
_chem_comp.id
_chem_comp.type
_chem_comp.name
_chem_comp.formula
DMS non-polymer 'DIMETHYL SULFOXIDE' 'C2 H6 O S'
EDO non-polymer 1,2-ETHANEDIOL 'C2 H6 O2'
WHS non-polymer 4-methyl-N-{[(2R)-oxolan-2-yl]methyl}-1,3-thiazol-2-amine 'C9 H14 N2 O S'
#
# COMPACT_ATOMS: atom_id res chain seq x y z
N PRO A 3 21.76 0.19 29.40
CA PRO A 3 21.20 0.02 28.04
C PRO A 3 21.30 1.29 27.17
N LYS A 4 21.66 1.09 25.92
CA LYS A 4 21.79 2.19 24.97
C LYS A 4 20.56 2.18 24.08
N SER A 5 19.88 3.34 23.99
N SER A 5 19.85 3.32 24.08
CA SER A 5 18.60 3.51 23.26
CA SER A 5 18.64 3.58 23.26
C SER A 5 18.78 4.44 22.05
C SER A 5 19.07 4.20 21.93
N MET A 6 18.25 4.04 20.89
CA MET A 6 18.42 4.79 19.61
C MET A 6 17.13 5.56 19.38
N GLN A 7 17.24 6.79 18.86
CA GLN A 7 16.07 7.61 18.52
C GLN A 7 15.46 7.13 17.21
N CYS A 8 14.18 6.77 17.18
CA CYS A 8 13.49 6.37 15.93
C CYS A 8 12.52 7.46 15.52
N LYS A 9 12.51 7.84 14.25
CA LYS A 9 11.55 8.81 13.69
C LYS A 9 10.66 8.11 12.66
N VAL A 10 9.32 8.22 12.84
CA VAL A 10 8.32 7.49 12.02
C VAL A 10 7.37 8.48 11.39
N ILE A 11 7.34 8.56 10.05
CA ILE A 11 6.31 9.36 9.33
C ILE A 11 5.01 8.60 9.44
N LEU A 12 4.03 9.21 10.10
CA LEU A 12 2.65 8.68 10.22
C LEU A 12 1.85 9.03 8.96
N LEU A 13 0.70 8.40 8.82
CA LEU A 13 -0.03 8.43 7.53
C LEU A 13 -0.69 9.79 7.30
N ASP A 14 -0.88 10.60 8.33
CA ASP A 14 -1.35 12.01 8.18
C ASP A 14 -0.17 12.98 7.96
N GLY A 15 1.04 12.49 7.75
CA GLY A 15 2.22 13.33 7.43
C GLY A 15 2.94 13.83 8.67
N SER A 16 2.39 13.58 9.85
CA SER A 16 3.03 13.94 11.13
C SER A 16 4.16 12.94 11.45
N GLU A 17 5.04 13.34 12.35
CA GLU A 17 6.28 12.60 12.72
C GLU A 17 6.16 12.11 14.16
N TYR A 18 6.29 10.81 14.42
CA TYR A 18 6.35 10.27 15.79
C TYR A 18 7.81 9.91 16.10
N THR A 19 8.30 10.34 17.26
CA THR A 19 9.66 10.04 17.76
C THR A 19 9.54 9.20 19.02
N CYS A 20 10.23 8.07 19.07
CA CYS A 20 10.42 7.28 20.31
C CYS A 20 11.85 6.75 20.34
N ASP A 21 12.20 6.01 21.38
CA ASP A 21 13.54 5.39 21.52
C ASP A 21 13.34 3.91 21.72
N VAL A 22 14.25 3.10 21.20
CA VAL A 22 14.31 1.64 21.46
C VAL A 22 15.76 1.29 21.76
N GLU A 23 15.98 0.24 22.55
CA GLU A 23 17.32 -0.35 22.80
C GLU A 23 17.95 -0.62 21.42
N LYS A 24 19.25 -0.39 21.27
CA LYS A 24 19.92 -0.35 19.95
C LYS A 24 19.83 -1.74 19.28
N ARG A 25 19.68 -2.81 20.05
CA ARG A 25 19.63 -4.21 19.52
C ARG A 25 18.17 -4.65 19.30
N SER A 26 17.19 -3.79 19.60
CA SER A 26 15.75 -4.09 19.42
C SER A 26 15.40 -4.63 18.01
N ARG A 27 14.41 -5.53 17.95
CA ARG A 27 13.95 -6.06 16.65
C ARG A 27 12.88 -5.14 16.11
N GLY A 28 12.50 -5.29 14.84
CA GLY A 28 11.51 -4.37 14.25
C GLY A 28 10.18 -4.36 15.03
N GLN A 29 9.69 -5.54 15.47
CA GLN A 29 8.39 -5.63 16.20
C GLN A 29 8.33 -4.62 17.36
N VAL A 30 9.45 -4.41 18.06
CA VAL A 30 9.51 -3.52 19.26
C VAL A 30 9.11 -2.11 18.85
N LEU A 31 9.75 -1.57 17.82
CA LEU A 31 9.38 -0.23 17.35
C LEU A 31 7.93 -0.25 16.85
N PHE A 32 7.54 -1.27 16.10
CA PHE A 32 6.19 -1.34 15.49
C PHE A 32 5.11 -1.29 16.58
N ASP A 33 5.26 -2.14 17.59
CA ASP A 33 4.35 -2.18 18.77
C ASP A 33 4.16 -0.78 19.36
N LYS A 34 5.24 0.00 19.49
CA LYS A 34 5.19 1.37 20.07
C LYS A 34 4.41 2.31 19.12
N VAL A 35 4.61 2.18 17.82
CA VAL A 35 3.87 3.00 16.82
C VAL A 35 2.37 2.65 16.88
N CYS A 36 2.04 1.38 16.93
CA CYS A 36 0.62 0.91 16.98
C CYS A 36 -0.04 1.38 18.29
N GLU A 37 0.68 1.43 19.40
CA GLU A 37 0.06 1.79 20.70
C GLU A 37 -0.27 3.27 20.63
N HIS A 38 0.64 4.02 20.03
CA HIS A 38 0.46 5.49 19.84
C HIS A 38 -0.74 5.75 18.93
N LEU A 39 -0.96 4.90 17.93
CA LEU A 39 -2.04 5.12 16.94
C LEU A 39 -3.34 4.51 17.46
N ASN A 40 -3.26 3.80 18.58
CA ASN A 40 -4.41 3.12 19.22
C ASN A 40 -4.92 2.07 18.24
N LEU A 41 -4.01 1.28 17.64
CA LEU A 41 -4.35 0.33 16.55
C LEU A 41 -4.26 -1.10 17.07
N LEU A 42 -5.31 -1.89 16.91
CA LEU A 42 -5.31 -3.29 17.39
C LEU A 42 -5.10 -4.25 16.23
N GLU A 43 -5.67 -3.97 15.07
CA GLU A 43 -5.55 -4.84 13.87
C GLU A 43 -4.25 -4.51 13.11
N LYS A 44 -3.10 -4.66 13.78
CA LYS A 44 -1.83 -4.04 13.29
C LYS A 44 -1.15 -4.91 12.23
N ASP A 45 -1.58 -6.16 12.03
CA ASP A 45 -0.88 -7.12 11.13
C ASP A 45 -1.23 -6.83 9.67
N TYR A 46 -2.06 -5.83 9.36
CA TYR A 46 -2.27 -5.35 7.98
C TYR A 46 -1.18 -4.32 7.63
N PHE A 47 -0.43 -3.87 8.64
CA PHE A 47 0.50 -2.72 8.56
C PHE A 47 1.94 -3.15 8.82
N GLY A 48 2.84 -2.23 8.56
CA GLY A 48 4.28 -2.43 8.61
C GLY A 48 4.95 -1.07 8.70
N LEU A 49 6.26 -1.09 8.90
CA LEU A 49 7.18 0.04 8.76
C LEU A 49 8.04 -0.19 7.55
N THR A 50 8.24 0.88 6.77
CA THR A 50 9.22 0.94 5.68
C THR A 50 10.41 1.80 6.11
N TYR A 51 11.55 1.55 5.48
CA TYR A 51 12.72 2.46 5.52
C TYR A 51 13.35 2.48 4.12
N ARG A 52 14.24 3.45 3.89
CA ARG A 52 14.98 3.60 2.60
C ARG A 52 16.37 3.05 2.76
N ASP A 53 16.80 2.13 1.90
CA ASP A 53 18.15 1.54 2.02
C ASP A 53 19.11 2.52 1.34
N ALA A 54 20.40 2.17 1.28
CA ALA A 54 21.49 3.00 0.69
C ALA A 54 21.25 3.18 -0.81
N GLU A 55 20.64 2.19 -1.47
CA GLU A 55 20.29 2.35 -2.92
C GLU A 55 19.10 3.33 -3.03
N ASN A 56 18.56 3.74 -1.87
CA ASN A 56 17.35 4.61 -1.67
C ASN A 56 16.07 3.82 -1.94
N GLN A 57 16.10 2.48 -1.86
CA GLN A 57 14.90 1.66 -2.19
C GLN A 57 14.08 1.42 -0.92
N LYS A 58 12.76 1.62 -1.00
CA LYS A 58 11.77 1.25 0.03
C LYS A 58 11.86 -0.23 0.36
N ASN A 59 12.10 -0.54 1.63
CA ASN A 59 12.13 -1.92 2.16
C ASN A 59 11.13 -2.01 3.30
N TRP A 60 10.56 -3.19 3.51
CA TRP A 60 9.78 -3.49 4.73
C TRP A 60 10.76 -3.80 5.85
N LEU A 61 10.59 -3.15 6.98
CA LEU A 61 11.33 -3.48 8.21
C LEU A 61 10.82 -4.83 8.69
N ASP A 62 11.70 -5.82 8.75
CA ASP A 62 11.30 -7.18 9.16
C ASP A 62 11.17 -7.20 10.68
N PRO A 63 9.97 -7.49 11.20
CA PRO A 63 9.74 -7.40 12.64
C PRO A 63 10.53 -8.40 13.49
N ALA A 64 10.95 -9.49 12.88
CA ALA A 64 11.70 -10.62 13.47
C ALA A 64 13.18 -10.27 13.65
N LYS A 65 13.68 -9.26 12.95
CA LYS A 65 15.14 -9.02 12.81
C LYS A 65 15.51 -7.68 13.44
N GLU A 66 16.73 -7.59 13.93
CA GLU A 66 17.28 -6.37 14.55
C GLU A 66 17.12 -5.22 13.57
N ILE A 67 16.68 -4.11 14.09
CA ILE A 67 16.57 -2.86 13.32
C ILE A 67 17.92 -2.52 12.70
N LYS A 68 18.99 -2.55 13.50
CA LYS A 68 20.35 -2.07 13.12
C LYS A 68 20.91 -2.91 11.98
N LYS A 69 20.58 -4.20 11.91
CA LYS A 69 21.05 -5.08 10.83
C LYS A 69 20.23 -4.84 9.56
N GLN A 70 19.18 -4.04 9.59
CA GLN A 70 18.40 -3.72 8.36
C GLN A 70 18.71 -2.28 7.92
N VAL A 71 18.60 -1.29 8.80
CA VAL A 71 18.90 0.12 8.44
C VAL A 71 20.40 0.27 8.14
N ARG A 72 21.24 -0.53 8.81
CA ARG A 72 22.69 -0.67 8.54
C ARG A 72 23.38 0.69 8.69
N SER A 73 23.67 1.38 7.59
CA SER A 73 24.42 2.66 7.59
C SER A 73 23.44 3.85 7.63
N GLY A 74 22.19 3.63 7.22
CA GLY A 74 21.12 4.65 7.16
C GLY A 74 20.65 5.13 8.52
N ALA A 75 20.00 6.28 8.51
CA ALA A 75 19.23 6.87 9.62
C ALA A 75 18.07 5.96 10.08
N TRP A 76 17.71 6.07 11.36
CA TRP A 76 16.60 5.34 11.99
C TRP A 76 15.32 6.12 11.72
N HIS A 77 14.98 6.21 10.45
CA HIS A 77 13.83 6.98 9.91
C HIS A 77 12.95 5.99 9.17
N PHE A 78 11.66 6.01 9.46
CA PHE A 78 10.70 4.98 9.01
C PHE A 78 9.43 5.71 8.60
N SER A 79 8.59 4.99 7.87
CA SER A 79 7.18 5.34 7.56
C SER A 79 6.28 4.22 8.04
N PHE A 80 5.13 4.56 8.61
CA PHE A 80 4.06 3.58 8.94
C PHE A 80 3.18 3.43 7.71
N ASN A 81 2.88 2.21 7.28
CA ASN A 81 2.21 1.94 5.99
C ASN A 81 1.31 0.72 6.06
N VAL A 82 0.36 0.66 5.14
CA VAL A 82 -0.40 -0.61 4.93
C VAL A 82 0.54 -1.52 4.16
N LYS A 83 0.73 -2.73 4.67
CA LYS A 83 1.51 -3.80 4.02
C LYS A 83 0.58 -4.77 3.26
N PHE A 84 -0.48 -5.22 3.91
CA PHE A 84 -1.46 -6.18 3.35
C PHE A 84 -2.81 -5.48 3.25
N TYR A 85 -3.16 -5.07 2.04
CA TYR A 85 -4.42 -4.37 1.78
C TYR A 85 -5.54 -5.38 1.91
N PRO A 86 -6.50 -5.21 2.84
CA PRO A 86 -7.63 -6.13 2.95
C PRO A 86 -8.52 -6.07 1.72
N PRO A 87 -8.78 -7.21 1.04
CA PRO A 87 -9.68 -7.24 -0.11
C PRO A 87 -11.11 -6.91 0.35
N ASP A 88 -11.41 -7.09 1.63
CA ASP A 88 -12.78 -6.78 2.15
C ASP A 88 -12.74 -5.92 3.40
N PRO A 89 -12.45 -4.61 3.25
CA PRO A 89 -12.34 -3.71 4.38
C PRO A 89 -13.61 -3.71 5.25
N ALA A 90 -14.77 -4.11 4.71
CA ALA A 90 -16.03 -4.12 5.50
C ALA A 90 -15.88 -5.10 6.67
N GLN A 91 -14.98 -6.07 6.56
CA GLN A 91 -14.90 -7.18 7.53
C GLN A 91 -13.85 -6.86 8.60
N LEU A 92 -13.07 -5.78 8.44
CA LEU A 92 -12.14 -5.38 9.52
C LEU A 92 -13.01 -5.15 10.75
N SER A 93 -12.52 -5.56 11.90
CA SER A 93 -13.34 -5.49 13.12
C SER A 93 -13.47 -4.03 13.57
N GLU A 94 -12.54 -3.13 13.23
CA GLU A 94 -12.52 -1.78 13.86
C GLU A 94 -12.51 -0.62 12.86
N ASP A 95 -13.17 0.48 13.24
CA ASP A 95 -13.31 1.70 12.44
C ASP A 95 -11.92 2.33 12.34
N ILE A 96 -11.11 2.26 13.39
CA ILE A 96 -9.79 2.96 13.40
C ILE A 96 -8.91 2.30 12.34
N THR A 97 -9.02 0.99 12.16
CA THR A 97 -8.30 0.21 11.13
C THR A 97 -8.65 0.83 9.78
N ARG A 98 -9.94 1.02 9.52
CA ARG A 98 -10.48 1.50 8.22
C ARG A 98 -10.00 2.93 7.99
N TYR A 99 -9.86 3.67 9.07
CA TYR A 99 -9.40 5.06 9.03
C TYR A 99 -7.95 5.15 8.52
N TYR A 100 -7.05 4.38 9.10
CA TYR A 100 -5.62 4.37 8.68
C TYR A 100 -5.53 3.84 7.27
N LEU A 101 -6.38 2.88 6.92
CA LEU A 101 -6.40 2.33 5.55
C LEU A 101 -6.78 3.43 4.55
N CYS A 102 -7.77 4.25 4.87
CA CYS A 102 -8.16 5.40 4.02
C CYS A 102 -6.95 6.31 3.83
N LEU A 103 -6.22 6.61 4.94
CA LEU A 103 -5.11 7.58 4.90
C LEU A 103 -4.07 7.05 3.91
N GLN A 104 -3.76 5.75 3.96
CA GLN A 104 -2.77 5.13 3.05
C GLN A 104 -3.27 5.31 1.62
N LEU A 105 -4.55 5.03 1.39
CA LEU A 105 -5.10 5.04 0.02
C LEU A 105 -5.11 6.45 -0.55
N ARG A 106 -5.31 7.44 0.33
CA ARG A 106 -5.25 8.88 -0.07
C ARG A 106 -3.87 9.14 -0.62
N ASP A 107 -2.85 8.65 0.07
CA ASP A 107 -1.44 8.85 -0.38
C ASP A 107 -1.18 8.01 -1.63
N ASP A 108 -1.69 6.79 -1.72
CA ASP A 108 -1.53 5.95 -2.93
C ASP A 108 -2.12 6.70 -4.13
N ILE A 109 -3.20 7.45 -3.92
CA ILE A 109 -3.88 8.16 -5.05
C ILE A 109 -3.06 9.40 -5.46
N VAL A 110 -2.70 10.23 -4.50
CA VAL A 110 -2.05 11.54 -4.74
C VAL A 110 -0.70 11.27 -5.43
N SER A 111 -0.02 10.22 -4.99
CA SER A 111 1.34 9.80 -5.44
C SER A 111 1.26 9.27 -6.86
N GLY A 112 0.10 8.79 -7.28
CA GLY A 112 -0.14 8.20 -8.61
C GLY A 112 0.05 6.70 -8.62
N ARG A 113 0.41 6.07 -7.50
CA ARG A 113 0.53 4.59 -7.43
C ARG A 113 -0.82 3.94 -7.67
N LEU A 114 -1.94 4.60 -7.33
CA LEU A 114 -3.30 4.00 -7.53
C LEU A 114 -4.04 4.83 -8.56
N PRO A 115 -4.01 4.47 -9.86
CA PRO A 115 -4.58 5.30 -10.91
C PRO A 115 -6.08 5.27 -10.68
N CYS A 116 -6.73 6.39 -11.00
N CYS A 116 -6.73 6.42 -10.91
CA CYS A 116 -8.16 6.62 -10.72
CA CYS A 116 -8.18 6.61 -10.73
C CYS A 116 -8.76 7.51 -11.82
C CYS A 116 -8.73 7.47 -11.87
N SER A 117 -9.95 7.15 -12.32
CA SER A 117 -10.72 7.96 -13.27
C SER A 117 -11.03 9.28 -12.56
N PHE A 118 -11.29 10.33 -13.31
CA PHE A 118 -11.74 11.63 -12.81
C PHE A 118 -12.88 11.47 -11.81
N VAL A 119 -13.98 10.86 -12.23
CA VAL A 119 -15.20 10.80 -11.36
C VAL A 119 -14.85 10.08 -10.05
N THR A 120 -14.08 9.01 -10.09
CA THR A 120 -13.69 8.25 -8.87
C THR A 120 -12.73 9.08 -8.00
N LEU A 121 -11.80 9.86 -8.57
CA LEU A 121 -11.03 10.85 -7.78
C LEU A 121 -12.01 11.80 -7.07
N ALA A 122 -13.00 12.33 -7.79
CA ALA A 122 -14.01 13.26 -7.23
C ALA A 122 -14.81 12.59 -6.12
N LEU A 123 -15.26 11.35 -6.36
CA LEU A 123 -16.13 10.63 -5.40
C LEU A 123 -15.35 10.33 -4.10
N LEU A 124 -14.17 9.78 -4.22
CA LEU A 124 -13.29 9.47 -3.05
C LEU A 124 -12.98 10.75 -2.29
N GLY A 125 -12.61 11.81 -3.02
CA GLY A 125 -12.41 13.15 -2.47
C GLY A 125 -13.62 13.56 -1.62
N SER A 126 -14.83 13.35 -2.15
CA SER A 126 -16.10 13.77 -1.51
C SER A 126 -16.31 13.03 -0.18
N TYR A 127 -15.98 11.74 -0.13
CA TYR A 127 -16.06 10.94 1.11
C TYR A 127 -14.98 11.43 2.07
N THR A 128 -13.78 11.76 1.61
CA THR A 128 -12.70 12.27 2.49
C THR A 128 -13.17 13.60 3.12
N VAL A 129 -13.65 14.56 2.33
CA VAL A 129 -14.17 15.84 2.90
C VAL A 129 -15.30 15.57 3.92
N GLN A 130 -16.23 14.68 3.64
CA GLN A 130 -17.38 14.41 4.55
C GLN A 130 -16.87 13.86 5.88
N SER A 131 -15.91 12.95 5.80
N SER A 131 -15.88 12.98 5.82
CA SER A 131 -15.17 12.35 6.95
CA SER A 131 -15.21 12.36 7.01
C SER A 131 -14.46 13.43 7.76
C SER A 131 -14.42 13.43 7.78
N GLU A 132 -13.78 14.36 7.09
CA GLU A 132 -12.90 15.39 7.73
C GLU A 132 -13.70 16.62 8.21
N LEU A 133 -14.65 17.13 7.43
CA LEU A 133 -15.31 18.44 7.69
C LEU A 133 -16.76 18.24 8.09
N GLY A 134 -17.31 17.05 7.90
CA GLY A 134 -18.76 16.90 8.10
C GLY A 134 -19.55 17.38 6.90
N ASP A 135 -20.76 17.84 7.14
CA ASP A 135 -21.79 18.09 6.11
C ASP A 135 -21.36 19.29 5.30
N TYR A 136 -21.66 19.27 3.99
CA TYR A 136 -21.39 20.38 3.06
C TYR A 136 -21.88 21.70 3.67
N ASP A 137 -21.05 22.75 3.59
CA ASP A 137 -21.37 24.11 4.10
C ASP A 137 -21.03 25.18 3.06
N PRO A 138 -22.03 25.88 2.48
CA PRO A 138 -21.77 26.94 1.50
C PRO A 138 -20.88 28.07 2.04
N ASP A 139 -21.09 28.47 3.30
CA ASP A 139 -20.32 29.57 3.97
C ASP A 139 -18.83 29.36 3.71
N GLU A 140 -18.33 28.16 4.00
CA GLU A 140 -16.89 27.79 3.89
C GLU A 140 -16.44 27.89 2.43
N CYS A 141 -17.22 27.33 1.51
CA CYS A 141 -16.86 27.15 0.08
C CYS A 141 -17.69 28.09 -0.81
N GLY A 142 -17.03 29.04 -1.48
CA GLY A 142 -17.63 29.85 -2.55
C GLY A 142 -17.44 29.16 -3.90
N SER A 143 -17.67 29.89 -5.00
CA SER A 143 -17.55 29.38 -6.39
C SER A 143 -16.08 29.24 -6.77
N ASP A 144 -15.17 29.82 -5.97
CA ASP A 144 -13.71 29.80 -6.23
C ASP A 144 -13.00 28.97 -5.17
N TYR A 145 -13.69 28.02 -4.53
CA TYR A 145 -13.16 27.21 -3.40
C TYR A 145 -12.16 26.18 -3.91
N ILE A 146 -11.04 26.04 -3.19
CA ILE A 146 -9.97 25.03 -3.41
C ILE A 146 -9.60 24.41 -2.04
N SER A 147 -10.03 23.17 -1.81
CA SER A 147 -9.79 22.40 -0.58
C SER A 147 -8.29 22.36 -0.25
N GLU A 148 -7.95 22.31 1.03
CA GLU A 148 -6.56 22.02 1.45
C GLU A 148 -6.27 20.54 1.14
N PHE A 149 -7.29 19.71 0.95
CA PHE A 149 -7.11 18.24 0.79
C PHE A 149 -6.56 18.01 -0.62
N ARG A 150 -5.58 17.12 -0.67
CA ARG A 150 -4.97 16.60 -1.91
C ARG A 150 -5.81 15.38 -2.27
N PHE A 151 -6.31 15.39 -3.49
CA PHE A 151 -7.27 14.40 -4.02
C PHE A 151 -6.64 13.58 -5.11
N ALA A 152 -5.54 14.05 -5.71
CA ALA A 152 -5.10 13.57 -7.02
C ALA A 152 -3.66 13.99 -7.28
N PRO A 153 -2.98 13.28 -8.21
CA PRO A 153 -1.64 13.63 -8.63
C PRO A 153 -1.59 14.99 -9.36
N ASN A 154 -2.64 15.38 -10.05
CA ASN A 154 -2.79 16.78 -10.54
C ASN A 154 -4.20 17.29 -10.25
N HIS A 155 -4.28 18.51 -9.74
CA HIS A 155 -5.56 19.17 -9.38
C HIS A 155 -5.99 20.12 -10.51
N THR A 156 -7.28 20.14 -10.78
CA THR A 156 -7.92 21.12 -11.67
C THR A 156 -9.12 21.68 -10.90
N LYS A 157 -9.54 22.87 -11.28
CA LYS A 157 -10.72 23.51 -10.68
C LYS A 157 -11.97 22.64 -10.92
N GLU A 158 -12.05 21.98 -12.07
CA GLU A 158 -13.17 21.07 -12.42
C GLU A 158 -13.24 19.96 -11.36
N LEU A 159 -12.11 19.36 -11.01
CA LEU A 159 -12.08 18.29 -9.99
C LEU A 159 -12.59 18.84 -8.65
N GLU A 160 -12.22 20.07 -8.30
CA GLU A 160 -12.57 20.67 -6.99
C GLU A 160 -14.07 20.89 -6.99
N ASP A 161 -14.61 21.31 -8.12
CA ASP A 161 -16.05 21.51 -8.31
C ASP A 161 -16.78 20.20 -8.11
N LYS A 162 -16.26 19.09 -8.69
CA LYS A 162 -16.97 17.78 -8.68
C LYS A 162 -16.95 17.21 -7.26
N VAL A 163 -15.83 17.33 -6.56
CA VAL A 163 -15.74 16.96 -5.11
C VAL A 163 -16.87 17.67 -4.33
N ILE A 164 -17.08 18.95 -4.54
CA ILE A 164 -18.11 19.75 -3.82
C ILE A 164 -19.52 19.26 -4.18
N GLU A 165 -19.82 19.12 -5.47
CA GLU A 165 -21.14 18.62 -5.94
C GLU A 165 -21.45 17.27 -5.25
N LEU A 166 -20.50 16.34 -5.27
CA LEU A 166 -20.72 14.99 -4.67
C LEU A 166 -20.80 15.09 -3.14
N HIS A 167 -20.01 15.96 -2.51
CA HIS A 167 -20.04 16.20 -1.04
C HIS A 167 -21.46 16.60 -0.60
N LYS A 168 -22.12 17.44 -1.37
CA LYS A 168 -23.47 17.96 -1.08
C LYS A 168 -24.45 16.82 -0.84
N SER A 169 -24.22 15.67 -1.49
CA SER A 169 -25.15 14.52 -1.44
C SER A 169 -24.86 13.65 -0.21
N HIS A 170 -23.75 13.87 0.53
CA HIS A 170 -23.41 13.00 1.69
C HIS A 170 -23.95 13.54 3.03
N ARG A 171 -24.80 14.57 3.00
CA ARG A 171 -25.41 15.22 4.20
C ARG A 171 -25.82 14.15 5.23
N GLY A 172 -25.32 14.26 6.47
CA GLY A 172 -25.68 13.40 7.60
C GLY A 172 -24.77 12.21 7.75
N MET A 173 -23.78 12.08 6.87
CA MET A 173 -22.91 10.88 6.86
C MET A 173 -21.85 11.08 7.92
N THR A 174 -21.69 10.10 8.81
CA THR A 174 -20.67 10.17 9.87
C THR A 174 -19.28 9.83 9.28
N PRO A 175 -18.18 10.15 10.00
CA PRO A 175 -16.85 9.80 9.48
C PRO A 175 -16.67 8.33 9.15
N ALA A 176 -17.14 7.43 10.01
CA ALA A 176 -16.94 5.98 9.86
C ALA A 176 -17.70 5.49 8.63
N GLU A 177 -18.82 6.13 8.35
CA GLU A 177 -19.69 5.77 7.20
C GLU A 177 -19.05 6.28 5.88
N ALA A 178 -18.59 7.54 5.87
CA ALA A 178 -17.82 8.11 4.74
C ALA A 178 -16.60 7.20 4.42
N GLU A 179 -15.87 6.75 5.44
CA GLU A 179 -14.61 5.99 5.34
C GLU A 179 -14.95 4.60 4.78
N MET A 180 -16.08 4.04 5.17
CA MET A 180 -16.54 2.76 4.62
C MET A 180 -16.91 2.93 3.16
N HIS A 181 -17.61 4.01 2.78
CA HIS A 181 -17.95 4.26 1.36
C HIS A 181 -16.67 4.48 0.56
N PHE A 182 -15.74 5.25 1.11
CA PHE A 182 -14.42 5.47 0.47
C PHE A 182 -13.83 4.11 0.08
N LEU A 183 -13.75 3.17 1.02
CA LEU A 183 -13.09 1.87 0.85
C LEU A 183 -13.89 0.96 -0.09
N GLU A 184 -15.21 0.95 -0.01
CA GLU A 184 -16.05 0.10 -0.92
C GLU A 184 -15.79 0.50 -2.38
N ASN A 185 -15.54 1.79 -2.64
CA ASN A 185 -15.14 2.26 -3.99
C ASN A 185 -13.64 1.99 -4.27
N ALA A 186 -12.73 2.38 -3.37
CA ALA A 186 -11.29 2.27 -3.66
C ALA A 186 -10.90 0.81 -3.90
N LYS A 187 -11.54 -0.14 -3.22
CA LYS A 187 -11.14 -1.56 -3.26
C LYS A 187 -11.43 -2.14 -4.65
N LYS A 188 -12.25 -1.49 -5.48
CA LYS A 188 -12.55 -2.00 -6.83
C LYS A 188 -11.59 -1.45 -7.87
N LEU A 189 -10.70 -0.54 -7.51
CA LEU A 189 -9.76 -0.03 -8.52
C LEU A 189 -8.78 -1.14 -8.91
N SER A 190 -8.45 -1.21 -10.19
CA SER A 190 -7.54 -2.24 -10.77
C SER A 190 -6.25 -2.35 -9.96
N MET A 191 -5.68 -1.27 -9.43
CA MET A 191 -4.36 -1.35 -8.79
C MET A 191 -4.46 -1.34 -7.26
N TYR A 192 -5.64 -1.51 -6.71
CA TYR A 192 -5.85 -1.49 -5.23
C TYR A 192 -4.93 -2.50 -4.57
N GLY A 193 -4.02 -2.05 -3.72
CA GLY A 193 -3.09 -2.88 -2.94
C GLY A 193 -2.10 -3.63 -3.84
N VAL A 194 -1.80 -3.13 -5.04
CA VAL A 194 -0.84 -3.74 -6.02
C VAL A 194 0.50 -3.03 -5.87
N ASP A 195 1.47 -3.78 -5.35
CA ASP A 195 2.88 -3.39 -5.14
C ASP A 195 3.67 -3.74 -6.42
N LEU A 196 4.11 -2.72 -7.17
CA LEU A 196 4.72 -2.86 -8.50
C LEU A 196 6.25 -2.91 -8.39
N HIS A 197 6.87 -3.89 -9.03
CA HIS A 197 8.34 -3.96 -9.18
C HIS A 197 8.71 -3.98 -10.67
N HIS A 198 9.68 -3.14 -11.04
CA HIS A 198 10.35 -3.11 -12.38
C HIS A 198 11.14 -4.39 -12.59
N ALA A 199 10.96 -4.98 -13.76
CA ALA A 199 11.70 -6.20 -14.15
C ALA A 199 11.80 -6.24 -15.66
N LYS A 200 12.57 -7.19 -16.20
CA LYS A 200 12.52 -7.56 -17.62
C LYS A 200 12.14 -9.04 -17.74
N ASP A 201 11.41 -9.40 -18.79
CA ASP A 201 11.05 -10.81 -19.11
C ASP A 201 12.29 -11.50 -19.68
N SER A 202 12.18 -12.79 -19.96
CA SER A 202 13.24 -13.66 -20.55
C SER A 202 13.69 -13.11 -21.90
N GLU A 203 12.89 -12.29 -22.58
CA GLU A 203 13.25 -11.68 -23.89
C GLU A 203 13.91 -10.32 -23.71
N GLY A 204 14.12 -9.84 -22.48
CA GLY A 204 14.76 -8.52 -22.22
C GLY A 204 13.78 -7.36 -22.29
N VAL A 205 12.50 -7.62 -22.46
CA VAL A 205 11.46 -6.56 -22.56
C VAL A 205 11.11 -6.14 -21.13
N GLU A 206 10.99 -4.83 -20.90
CA GLU A 206 10.71 -4.23 -19.58
C GLU A 206 9.22 -4.42 -19.26
N ILE A 207 8.97 -4.96 -18.07
CA ILE A 207 7.61 -5.25 -17.54
C ILE A 207 7.48 -4.58 -16.17
N MET A 208 6.29 -4.62 -15.58
CA MET A 208 6.09 -4.42 -14.13
C MET A 208 5.52 -5.72 -13.57
N LEU A 209 6.08 -6.21 -12.49
CA LEU A 209 5.49 -7.34 -11.73
C LEU A 209 4.66 -6.77 -10.58
N GLY A 210 3.36 -7.05 -10.53
CA GLY A 210 2.51 -6.59 -9.43
C GLY A 210 2.24 -7.70 -8.43
N VAL A 211 2.37 -7.43 -7.14
CA VAL A 211 2.09 -8.40 -6.05
C VAL A 211 0.87 -7.89 -5.29
N CYS A 212 -0.13 -8.72 -5.12
CA CYS A 212 -1.29 -8.30 -4.29
C CYS A 212 -1.97 -9.52 -3.66
N ALA A 213 -3.04 -9.25 -2.92
CA ALA A 213 -3.88 -10.25 -2.22
C ALA A 213 -4.18 -11.47 -3.10
N SER A 214 -4.57 -11.23 -4.35
CA SER A 214 -5.21 -12.25 -5.23
C SER A 214 -4.14 -13.10 -5.94
N GLY A 215 -3.03 -12.48 -6.33
CA GLY A 215 -1.88 -13.22 -6.88
C GLY A 215 -0.84 -12.31 -7.48
N LEU A 216 -0.33 -12.70 -8.63
CA LEU A 216 0.80 -12.03 -9.28
C LEU A 216 0.32 -11.47 -10.60
N LEU A 217 0.73 -10.25 -10.92
CA LEU A 217 0.37 -9.62 -12.21
C LEU A 217 1.67 -9.32 -12.96
N ILE A 218 1.66 -9.55 -14.27
CA ILE A 218 2.73 -9.17 -15.22
C ILE A 218 2.16 -8.15 -16.20
N TYR A 219 2.61 -6.90 -16.10
CA TYR A 219 2.20 -5.76 -16.96
C TYR A 219 3.21 -5.58 -18.09
N ARG A 220 3.01 -6.32 -19.20
CA ARG A 220 3.85 -6.21 -20.43
C ARG A 220 3.53 -4.87 -21.10
N ASP A 221 2.30 -4.76 -21.62
CA ASP A 221 1.74 -3.51 -22.19
C ASP A 221 0.22 -3.56 -21.97
N ARG A 222 -0.52 -2.59 -22.54
CA ARG A 222 -1.99 -2.50 -22.35
C ARG A 222 -2.63 -3.81 -22.81
N LEU A 223 -2.02 -4.47 -23.81
CA LEU A 223 -2.57 -5.68 -24.46
C LEU A 223 -2.07 -6.93 -23.74
N ARG A 224 -2.97 -7.91 -23.55
CA ARG A 224 -2.67 -9.23 -22.92
C ARG A 224 -1.86 -9.01 -21.64
N ILE A 225 -2.55 -8.72 -20.53
CA ILE A 225 -1.98 -8.71 -19.14
C ILE A 225 -2.11 -10.12 -18.58
N ASN A 226 -0.99 -10.71 -18.15
CA ASN A 226 -0.92 -12.04 -17.51
C ASN A 226 -1.14 -11.88 -16.00
N ARG A 227 -1.99 -12.72 -15.41
CA ARG A 227 -2.24 -12.75 -13.94
C ARG A 227 -2.34 -14.20 -13.46
N PHE A 228 -1.81 -14.45 -12.26
CA PHE A 228 -1.68 -15.80 -11.66
C PHE A 228 -2.28 -15.71 -10.28
N ALA A 229 -3.49 -16.21 -10.07
CA ALA A 229 -4.09 -16.28 -8.71
C ALA A 229 -3.11 -17.05 -7.83
N TRP A 230 -3.05 -16.77 -6.55
CA TRP A 230 -2.09 -17.51 -5.67
C TRP A 230 -2.24 -19.02 -5.83
N PRO A 231 -3.45 -19.62 -5.91
CA PRO A 231 -3.55 -21.09 -6.01
C PRO A 231 -2.76 -21.66 -7.19
N LYS A 232 -2.59 -20.91 -8.28
CA LYS A 232 -1.83 -21.36 -9.48
C LYS A 232 -0.30 -21.17 -9.33
N VAL A 233 0.20 -20.65 -8.20
CA VAL A 233 1.66 -20.46 -7.96
C VAL A 233 2.12 -21.51 -6.96
N LEU A 234 2.95 -22.45 -7.36
CA LEU A 234 3.48 -23.47 -6.42
C LEU A 234 4.68 -22.92 -5.67
N LYS A 235 5.72 -22.55 -6.41
CA LYS A 235 7.02 -22.08 -5.86
C LYS A 235 7.37 -20.74 -6.53
N ILE A 236 8.01 -19.89 -5.72
CA ILE A 236 8.62 -18.58 -6.10
C ILE A 236 10.09 -18.64 -5.68
N SER A 237 11.04 -18.23 -6.50
CA SER A 237 12.45 -18.26 -6.05
C SER A 237 13.29 -17.13 -6.65
N TYR A 238 14.42 -16.85 -6.03
CA TYR A 238 15.41 -15.91 -6.61
C TYR A 238 16.79 -16.58 -6.60
N LYS A 239 17.55 -16.26 -7.63
CA LYS A 239 18.98 -16.54 -7.75
C LYS A 239 19.63 -15.34 -8.44
N ARG A 240 20.64 -14.76 -7.81
CA ARG A 240 21.42 -13.63 -8.40
C ARG A 240 20.44 -12.50 -8.71
N ASN A 241 20.34 -12.01 -9.95
CA ASN A 241 19.40 -10.92 -10.33
C ASN A 241 18.06 -11.48 -10.77
N ASN A 242 17.82 -12.80 -10.63
CA ASN A 242 16.66 -13.43 -11.31
C ASN A 242 15.60 -13.85 -10.32
N PHE A 243 14.36 -13.64 -10.74
CA PHE A 243 13.14 -14.04 -10.01
C PHE A 243 12.39 -15.06 -10.88
N TYR A 244 12.05 -16.22 -10.30
CA TYR A 244 11.34 -17.29 -11.05
C TYR A 244 10.02 -17.59 -10.35
N ILE A 245 8.95 -17.78 -11.15
CA ILE A 245 7.66 -18.31 -10.61
C ILE A 245 7.33 -19.66 -11.27
N LYS A 246 7.08 -20.66 -10.42
CA LYS A 246 6.65 -22.04 -10.80
C LYS A 246 5.11 -22.05 -10.73
N ILE A 247 4.48 -22.05 -11.91
CA ILE A 247 3.01 -22.13 -12.17
C ILE A 247 2.54 -23.60 -12.17
N ARG A 248 1.76 -23.98 -11.15
CA ARG A 248 1.15 -25.33 -10.93
C ARG A 248 0.64 -25.90 -12.25
N PRO A 249 0.91 -27.20 -12.55
CA PRO A 249 0.55 -27.76 -13.84
C PRO A 249 -0.98 -27.71 -13.99
N GLY A 250 -1.50 -27.17 -15.10
CA GLY A 250 -2.93 -27.28 -15.44
C GLY A 250 -3.32 -28.76 -15.56
N GLU A 251 -4.61 -29.04 -15.71
CA GLU A 251 -5.12 -30.44 -15.71
C GLU A 251 -4.59 -31.23 -16.91
N PHE A 252 -4.04 -32.42 -16.66
CA PHE A 252 -3.58 -33.41 -17.68
C PHE A 252 -2.37 -32.87 -18.46
N GLU A 253 -1.71 -31.83 -17.95
CA GLU A 253 -0.42 -31.32 -18.49
C GLU A 253 0.70 -31.84 -17.58
N GLN A 254 1.60 -32.66 -18.12
CA GLN A 254 2.61 -33.39 -17.31
C GLN A 254 3.42 -32.38 -16.48
N PHE A 255 3.86 -31.29 -17.10
CA PHE A 255 5.01 -30.49 -16.62
C PHE A 255 4.67 -29.00 -16.50
N GLU A 256 4.74 -28.53 -15.25
CA GLU A 256 4.68 -27.10 -14.87
C GLU A 256 5.43 -26.26 -15.91
N SER A 257 5.17 -24.95 -15.91
CA SER A 257 5.95 -23.94 -16.67
C SER A 257 6.60 -22.96 -15.68
N THR A 258 7.88 -22.67 -15.89
CA THR A 258 8.65 -21.73 -15.04
C THR A 258 8.70 -20.42 -15.81
N ILE A 259 8.40 -19.30 -15.16
CA ILE A 259 8.52 -17.95 -15.79
C ILE A 259 9.59 -17.20 -15.01
N GLY A 260 10.59 -16.70 -15.72
CA GLY A 260 11.73 -15.99 -15.11
C GLY A 260 11.79 -14.55 -15.55
N PHE A 261 12.27 -13.72 -14.64
CA PHE A 261 12.36 -12.26 -14.81
C PHE A 261 13.74 -11.81 -14.40
N LYS A 262 14.19 -10.73 -15.02
CA LYS A 262 15.45 -10.09 -14.65
C LYS A 262 15.13 -8.88 -13.82
N LEU A 263 15.63 -8.81 -12.60
CA LEU A 263 15.53 -7.62 -11.72
C LEU A 263 16.80 -6.78 -11.84
N PRO A 264 16.73 -5.49 -11.46
CA PRO A 264 17.88 -4.58 -11.58
C PRO A 264 19.11 -5.08 -10.80
N ASN A 265 18.91 -5.82 -9.72
CA ASN A 265 20.06 -6.35 -8.96
C ASN A 265 19.54 -7.41 -8.02
N HIS A 266 20.44 -8.04 -7.30
CA HIS A 266 20.14 -9.17 -6.42
C HIS A 266 19.21 -8.74 -5.30
N ARG A 267 19.38 -7.54 -4.74
CA ARG A 267 18.55 -7.03 -3.62
C ARG A 267 17.12 -6.78 -4.12
N ALA A 268 16.97 -6.23 -5.32
CA ALA A 268 15.65 -6.08 -5.97
C ALA A 268 14.99 -7.46 -6.10
N ALA A 269 15.74 -8.52 -6.40
CA ALA A 269 15.19 -9.88 -6.57
C ALA A 269 14.78 -10.45 -5.21
N LYS A 270 15.62 -10.30 -4.20
CA LYS A 270 15.38 -10.82 -2.82
C LYS A 270 14.10 -10.17 -2.28
N ARG A 271 13.98 -8.86 -2.51
CA ARG A 271 12.88 -8.00 -1.99
C ARG A 271 11.55 -8.46 -2.60
N LEU A 272 11.53 -8.61 -3.92
CA LEU A 272 10.34 -9.12 -4.66
C LEU A 272 9.96 -10.52 -4.16
N TRP A 273 10.91 -11.44 -4.00
CA TRP A 273 10.65 -12.78 -3.42
C TRP A 273 9.97 -12.64 -2.06
N LYS A 274 10.50 -11.79 -1.18
CA LYS A 274 9.98 -11.70 0.21
C LYS A 274 8.54 -11.13 0.21
N VAL A 275 8.27 -10.05 -0.51
CA VAL A 275 6.89 -9.50 -0.59
C VAL A 275 5.96 -10.54 -1.24
N CYS A 276 6.45 -11.39 -2.15
CA CYS A 276 5.61 -12.46 -2.78
C CYS A 276 5.28 -13.52 -1.73
N VAL A 277 6.29 -14.02 -1.03
CA VAL A 277 6.09 -15.06 0.03
C VAL A 277 5.09 -14.51 1.04
N GLU A 278 5.23 -13.25 1.45
CA GLU A 278 4.40 -12.67 2.54
C GLU A 278 2.94 -12.53 2.10
N HIS A 279 2.70 -12.04 0.89
CA HIS A 279 1.36 -11.91 0.27
C HIS A 279 0.75 -13.29 -0.02
N HIS A 280 1.56 -14.31 -0.31
CA HIS A 280 1.06 -15.70 -0.47
C HIS A 280 0.55 -16.20 0.88
N THR A 281 1.32 -15.99 1.95
CA THR A 281 0.91 -16.39 3.33
C THR A 281 -0.35 -15.62 3.73
N PHE A 282 -0.48 -14.35 3.32
CA PHE A 282 -1.66 -13.51 3.64
C PHE A 282 -2.91 -14.10 2.95
N PHE A 283 -2.82 -14.41 1.65
CA PHE A 283 -3.90 -15.05 0.87
C PHE A 283 -4.39 -16.30 1.61
N ARG A 284 -3.45 -17.18 1.96
CA ARG A 284 -3.64 -18.40 2.79
C ARG A 284 -4.48 -18.11 4.04
N LEU A 285 -4.29 -16.94 4.69
CA LEU A 285 -4.96 -16.55 5.97
C LEU A 285 -6.36 -15.99 5.69
N LEU A 286 -6.77 -15.90 4.42
CA LEU A 286 -8.12 -15.41 4.02
C LEU A 286 -9.06 -16.61 3.94
N1 WHS B . -0.23 -14.21 11.00
C4 WHS B . 2.61 -12.44 9.32
C5 WHS B . 2.26 -11.81 7.97
C6 WHS B . 2.26 -12.89 6.86
C7 WHS B . 0.80 -13.02 6.48
C8 WHS B . 0.16 -11.71 6.97
N WHS B . 1.57 -13.43 9.69
C WHS B . -2.15 -14.60 12.57
O WHS B . 0.95 -11.27 8.06
C1 WHS B . -1.05 -13.76 12.07
C2 WHS B . -0.77 -12.52 12.53
C3 WHS B . 0.64 -13.26 10.68
S WHS B . 0.52 -11.79 11.66
S DMS C . 2.75 11.07 4.44
O DMS C . 2.28 9.64 4.33
C1 DMS C . 3.72 11.37 2.99
C2 DMS C . 1.33 12.05 4.02
S DMS D . -6.86 -6.71 -8.16
O DMS D . -7.43 -5.69 -9.11
C1 DMS D . -6.17 -5.77 -6.83
C2 DMS D . -5.38 -7.30 -8.94
S DMS E . -10.44 -8.77 5.35
O DMS E . -10.71 -8.46 3.89
C1 DMS E . -11.25 -10.31 5.68
C2 DMS E . -8.78 -9.40 5.39
C1 EDO F . -15.29 -0.94 16.41
O1 EDO F . -14.99 0.30 15.80
C2 EDO F . -16.56 -1.50 15.93
O2 EDO F . -16.74 -1.30 14.54
C1 EDO G . 4.22 3.20 -0.39
O1 EDO G . 3.99 4.29 0.49
C2 EDO G . 3.86 1.92 0.25
O2 EDO G . 4.97 1.25 0.82
C1 EDO H . 3.67 2.01 -8.10
O1 EDO H . 5.06 2.10 -7.81
C2 EDO H . 2.83 1.18 -7.15
O2 EDO H . 3.47 0.07 -6.56
C1 EDO I . -3.87 16.34 2.33
O1 EDO I . -4.16 17.66 2.67
C2 EDO I . -5.02 15.49 2.60
O2 EDO I . -5.10 14.32 1.82
C1 EDO J . 25.74 -2.21 -3.37
O1 EDO J . 26.41 -0.98 -3.37
C2 EDO J . 24.89 -2.44 -2.19
O2 EDO J . 24.50 -3.80 -2.03
C1 EDO K . 0.43 0.98 -3.13
O1 EDO K . 1.52 1.69 -2.58
C2 EDO K . 0.56 -0.46 -2.86
O2 EDO K . 1.90 -0.78 -2.46
#